data_6KO6
#
_entry.id   6KO6
#
_cell.length_a   89.020
_cell.length_b   95.800
_cell.length_c   93.330
_cell.angle_alpha   90.000
_cell.angle_beta   90.000
_cell.angle_gamma   90.000
#
_symmetry.space_group_name_H-M   'C 2 2 21'
#
loop_
_entity.id
_entity.type
_entity.pdbx_description
1 polymer 'CMGC/CK2 protein kinase'
2 non-polymer 'PHOSPHOAMINOPHOSPHONIC ACID-ADENYLATE ESTER'
3 non-polymer 'MAGNESIUM ION'
4 non-polymer 'SULFATE ION'
5 water water
#
_entity_poly.entity_id   1
_entity_poly.type   'polypeptide(L)'
_entity_poly.pdbx_seq_one_letter_code
;MSGGRSVARVYANVNEKLGRSWWDYDNLVVQWGVQDNYEIVRKVGRGKYSEVFESIHLPTDSKCIVKVLKPVKKKKIKRE
IKILQNLAGGPNVVGLLDVVRDSQSKTPSIVTEYVNNTEFKTLYPKFSDFDVRYYIFELLKALDFCHSKGIMHRDVKPHN
VMIDHEKRTLRLIDWGLAEFYHPGTEYNVRVASRYFKGPELLVDFQEYDYSLDMWSLGCMFASMIFRKEPFFHGHDNADQ
LVKIAKVLGTDELYTYLERYDIDLDAQFDDILGRYPRKPWSRFVSSENQRYISSEAIDFLDKLLRYDHQERLTAEEAKEH
PYFEPVRQAAAQASASQP
;
_entity_poly.pdbx_strand_id   B
#
loop_
_chem_comp.id
_chem_comp.type
_chem_comp.name
_chem_comp.formula
ANP non-polymer 'PHOSPHOAMINOPHOSPHONIC ACID-ADENYLATE ESTER' 'C10 H17 N6 O12 P3'
MG non-polymer 'MAGNESIUM ION' 'Mg 2'
SO4 non-polymer 'SULFATE ION' 'O4 S -2'
#
# COMPACT_ATOMS: atom_id res chain seq x y z
N ARG A 5 -11.87 -13.32 16.40
CA ARG A 5 -10.65 -12.57 16.72
C ARG A 5 -10.71 -11.14 16.22
N SER A 6 -10.91 -10.95 14.92
CA SER A 6 -11.00 -9.55 14.47
C SER A 6 -11.89 -9.42 13.24
N VAL A 7 -12.75 -8.42 13.25
CA VAL A 7 -13.56 -8.09 12.04
C VAL A 7 -13.31 -6.61 11.77
N ALA A 8 -13.19 -6.22 10.52
CA ALA A 8 -12.88 -4.82 10.19
C ALA A 8 -13.99 -3.86 10.66
N ARG A 9 -13.61 -2.66 11.10
CA ARG A 9 -14.51 -1.58 11.55
C ARG A 9 -15.38 -1.11 10.39
N VAL A 10 -14.84 -1.10 9.18
CA VAL A 10 -15.61 -0.62 8.02
C VAL A 10 -15.51 -1.61 6.88
N TYR A 11 -16.53 -1.61 6.02
CA TYR A 11 -16.53 -2.34 4.74
C TYR A 11 -16.40 -3.86 4.92
N ALA A 12 -16.76 -4.40 6.08
CA ALA A 12 -16.62 -5.85 6.35
C ALA A 12 -17.55 -6.68 5.47
N ASN A 13 -18.75 -6.15 5.19
CA ASN A 13 -19.84 -6.82 4.45
C ASN A 13 -19.78 -6.57 2.94
N VAL A 14 -18.78 -5.84 2.46
CA VAL A 14 -18.77 -5.47 1.02
C VAL A 14 -18.74 -6.70 0.13
N ASN A 15 -17.88 -7.67 0.42
CA ASN A 15 -17.83 -8.88 -0.44
C ASN A 15 -19.16 -9.61 -0.37
N GLU A 16 -19.78 -9.69 0.81
CA GLU A 16 -21.09 -10.37 0.90
C GLU A 16 -22.13 -9.64 0.03
N LYS A 17 -22.14 -8.31 0.01
CA LYS A 17 -23.14 -7.54 -0.78
C LYS A 17 -22.87 -7.71 -2.28
N LEU A 18 -21.65 -7.43 -2.68
CA LEU A 18 -21.28 -7.72 -4.08
C LEU A 18 -21.32 -9.24 -4.21
N GLY A 19 -21.44 -9.77 -5.40
CA GLY A 19 -21.59 -11.23 -5.47
C GLY A 19 -20.31 -12.02 -5.39
N ARG A 20 -20.45 -13.31 -5.66
CA ARG A 20 -19.36 -14.29 -5.81
C ARG A 20 -18.61 -13.89 -7.07
N SER A 21 -19.35 -13.43 -8.08
CA SER A 21 -18.79 -12.94 -9.36
C SER A 21 -17.74 -11.87 -9.07
N TRP A 22 -17.98 -11.03 -8.06
CA TRP A 22 -17.03 -9.98 -7.60
C TRP A 22 -15.75 -10.56 -6.98
N TRP A 23 -15.81 -11.60 -6.14
CA TRP A 23 -14.57 -12.05 -5.45
C TRP A 23 -14.07 -13.45 -5.80
N ASP A 24 -14.84 -14.28 -6.51
CA ASP A 24 -14.40 -15.65 -6.76
C ASP A 24 -13.42 -15.67 -7.92
N TYR A 25 -12.18 -15.28 -7.62
CA TYR A 25 -11.18 -15.16 -8.67
C TYR A 25 -10.64 -16.50 -9.13
N ASP A 26 -10.89 -17.57 -8.37
CA ASP A 26 -10.51 -18.90 -8.82
C ASP A 26 -11.21 -19.26 -10.13
N ASN A 27 -12.52 -19.02 -10.18
CA ASN A 27 -13.32 -19.34 -11.39
C ASN A 27 -13.34 -18.16 -12.34
N LEU A 28 -12.17 -17.69 -12.75
CA LEU A 28 -12.08 -16.53 -13.68
C LEU A 28 -11.59 -17.01 -15.03
N VAL A 29 -12.31 -16.66 -16.09
CA VAL A 29 -11.86 -17.03 -17.45
C VAL A 29 -11.25 -15.76 -18.06
N VAL A 30 -9.95 -15.80 -18.35
CA VAL A 30 -9.22 -14.61 -18.87
C VAL A 30 -9.30 -14.56 -20.39
N GLN A 31 -9.84 -13.46 -20.92
CA GLN A 31 -9.89 -13.27 -22.38
C GLN A 31 -8.57 -12.63 -22.80
N TRP A 32 -7.55 -13.46 -22.93
CA TRP A 32 -6.23 -13.01 -23.35
C TRP A 32 -6.27 -12.17 -24.61
N GLY A 33 -5.63 -11.01 -24.57
CA GLY A 33 -5.29 -10.27 -25.76
C GLY A 33 -4.21 -10.95 -26.60
N VAL A 34 -3.75 -10.22 -27.62
CA VAL A 34 -2.78 -10.72 -28.58
C VAL A 34 -1.38 -10.34 -28.12
N GLN A 35 -0.55 -11.33 -27.80
CA GLN A 35 0.79 -11.00 -27.34
C GLN A 35 1.56 -10.20 -28.40
N ASP A 36 1.38 -10.53 -29.67
CA ASP A 36 2.22 -9.91 -30.69
C ASP A 36 1.81 -8.49 -31.06
N ASN A 37 0.70 -7.98 -30.52
CA ASN A 37 0.34 -6.57 -30.68
C ASN A 37 1.16 -5.64 -29.80
N TYR A 38 2.02 -6.19 -28.93
CA TYR A 38 2.83 -5.42 -28.00
C TYR A 38 4.30 -5.65 -28.30
N GLU A 39 5.08 -4.58 -28.34
CA GLU A 39 6.52 -4.68 -28.48
C GLU A 39 7.20 -4.09 -27.26
N ILE A 40 8.13 -4.84 -26.68
CA ILE A 40 8.85 -4.43 -25.49
C ILE A 40 10.03 -3.57 -25.91
N VAL A 41 10.18 -2.43 -25.26
CA VAL A 41 11.27 -1.48 -25.63
C VAL A 41 12.42 -1.58 -24.63
N ARG A 42 12.21 -1.16 -23.39
CA ARG A 42 13.31 -1.13 -22.39
C ARG A 42 12.82 -1.58 -21.02
N LYS A 43 13.72 -2.19 -20.23
CA LYS A 43 13.38 -2.64 -18.86
C LYS A 43 13.36 -1.43 -17.93
N VAL A 44 12.27 -1.23 -17.20
CA VAL A 44 12.14 -0.06 -16.28
C VAL A 44 12.01 -0.52 -14.84
N GLY A 45 11.66 -1.78 -14.61
CA GLY A 45 11.50 -2.26 -13.23
C GLY A 45 11.62 -3.77 -13.14
N ARG A 46 11.69 -4.28 -11.91
CA ARG A 46 11.74 -5.74 -11.64
C ARG A 46 11.19 -6.00 -10.25
N GLY A 47 10.77 -7.24 -9.99
CA GLY A 47 10.18 -7.61 -8.70
C GLY A 47 10.55 -9.02 -8.33
N LYS A 48 10.11 -9.49 -7.17
CA LYS A 48 10.40 -10.89 -6.81
C LYS A 48 9.70 -11.81 -7.82
N TYR A 49 8.45 -11.49 -8.15
CA TYR A 49 7.70 -12.35 -9.11
C TYR A 49 7.50 -11.66 -10.46
N SER A 50 8.29 -10.63 -10.77
CA SER A 50 8.08 -9.92 -12.05
C SER A 50 9.31 -9.19 -12.60
N GLU A 51 9.20 -8.84 -13.88
CA GLU A 51 10.09 -8.01 -14.72
C GLU A 51 9.17 -6.98 -15.37
N VAL A 52 9.52 -5.71 -15.39
CA VAL A 52 8.58 -4.69 -15.95
C VAL A 52 9.25 -3.94 -17.10
N PHE A 53 8.51 -3.68 -18.18
CA PHE A 53 9.14 -2.98 -19.31
C PHE A 53 8.24 -1.90 -19.88
N GLU A 54 8.84 -0.79 -20.26
CA GLU A 54 8.13 0.17 -21.08
C GLU A 54 7.97 -0.45 -22.46
N SER A 55 6.79 -0.28 -23.04
CA SER A 55 6.47 -1.01 -24.26
C SER A 55 5.57 -0.16 -25.14
N ILE A 56 5.31 -0.68 -26.35
CA ILE A 56 4.45 -0.01 -27.30
C ILE A 56 3.30 -0.95 -27.67
N HIS A 57 2.06 -0.48 -27.48
CA HIS A 57 0.94 -1.10 -28.16
C HIS A 57 1.03 -0.74 -29.64
N LEU A 58 1.53 -1.67 -30.45
CA LEU A 58 1.76 -1.40 -31.87
C LEU A 58 0.55 -0.83 -32.62
N PRO A 59 -0.66 -1.42 -32.57
CA PRO A 59 -1.76 -0.87 -33.39
C PRO A 59 -2.01 0.63 -33.20
N THR A 60 -1.83 1.14 -31.97
CA THR A 60 -1.97 2.54 -31.62
C THR A 60 -0.64 3.26 -31.54
N ASP A 61 0.48 2.53 -31.54
CA ASP A 61 1.81 3.09 -31.33
C ASP A 61 1.88 3.98 -30.09
N SER A 62 1.37 3.46 -28.97
CA SER A 62 1.29 4.22 -27.72
C SER A 62 2.07 3.53 -26.61
N LYS A 63 2.64 4.34 -25.73
CA LYS A 63 3.48 3.85 -24.65
C LYS A 63 2.66 3.08 -23.62
N CYS A 64 3.20 1.98 -23.14
CA CYS A 64 2.56 1.35 -21.99
C CYS A 64 3.61 0.57 -21.21
N ILE A 65 3.13 -0.14 -20.20
CA ILE A 65 3.98 -0.94 -19.30
C ILE A 65 3.54 -2.39 -19.42
N VAL A 66 4.51 -3.28 -19.63
CA VAL A 66 4.21 -4.72 -19.68
C VAL A 66 4.94 -5.36 -18.51
N LYS A 67 4.20 -6.11 -17.70
CA LYS A 67 4.76 -6.77 -16.51
C LYS A 67 4.70 -8.26 -16.76
N VAL A 68 5.87 -8.89 -16.93
CA VAL A 68 5.96 -10.35 -17.19
C VAL A 68 5.93 -11.06 -15.84
N LEU A 69 4.86 -11.79 -15.58
CA LEU A 69 4.67 -12.47 -14.27
C LEU A 69 5.34 -13.84 -14.23
N LYS A 70 6.04 -14.13 -13.13
CA LYS A 70 6.55 -15.50 -12.91
C LYS A 70 5.52 -16.08 -11.96
N PRO A 71 4.76 -17.13 -12.33
CA PRO A 71 3.71 -17.62 -11.43
C PRO A 71 4.20 -18.34 -10.17
N VAL A 72 3.75 -17.90 -8.99
CA VAL A 72 3.96 -18.68 -7.75
C VAL A 72 3.01 -19.87 -7.88
N LYS A 73 1.76 -19.56 -8.28
CA LYS A 73 0.64 -20.48 -8.56
C LYS A 73 -0.31 -19.78 -9.54
N LYS A 74 -0.97 -20.51 -10.44
CA LYS A 74 -1.87 -19.91 -11.47
C LYS A 74 -2.92 -19.06 -10.78
N LYS A 75 -3.38 -19.50 -9.62
CA LYS A 75 -4.48 -18.84 -8.88
C LYS A 75 -4.07 -17.41 -8.50
N LYS A 76 -2.80 -17.19 -8.13
CA LYS A 76 -2.34 -15.83 -7.75
C LYS A 76 -2.52 -14.86 -8.92
N ILE A 77 -2.24 -15.30 -10.15
CA ILE A 77 -2.38 -14.48 -11.38
C ILE A 77 -3.86 -14.12 -11.55
N LYS A 78 -4.75 -15.06 -11.31
CA LYS A 78 -6.18 -14.73 -11.48
C LYS A 78 -6.56 -13.65 -10.47
N ARG A 79 -6.03 -13.73 -9.26
CA ARG A 79 -6.39 -12.75 -8.20
C ARG A 79 -6.02 -11.34 -8.65
N GLU A 80 -4.80 -11.16 -9.15
CA GLU A 80 -4.36 -9.83 -9.59
C GLU A 80 -5.20 -9.30 -10.74
N ILE A 81 -5.48 -10.12 -11.75
CA ILE A 81 -6.31 -9.66 -12.87
C ILE A 81 -7.71 -9.33 -12.37
N LYS A 82 -8.30 -10.24 -11.61
CA LYS A 82 -9.63 -10.04 -11.05
C LYS A 82 -9.71 -8.71 -10.31
N ILE A 83 -8.67 -8.37 -9.54
CA ILE A 83 -8.74 -7.17 -8.72
C ILE A 83 -8.64 -5.91 -9.59
N LEU A 84 -7.74 -5.93 -10.57
CA LEU A 84 -7.55 -4.78 -11.49
C LEU A 84 -8.84 -4.53 -12.29
N GLN A 85 -9.50 -5.59 -12.75
CA GLN A 85 -10.75 -5.44 -13.52
C GLN A 85 -11.83 -4.82 -12.65
N ASN A 86 -11.91 -5.24 -11.39
CA ASN A 86 -12.90 -4.78 -10.38
C ASN A 86 -12.68 -3.32 -10.03
N LEU A 87 -11.43 -2.90 -9.94
CA LEU A 87 -11.10 -1.53 -9.49
C LEU A 87 -11.06 -0.55 -10.65
N ALA A 88 -11.38 -1.00 -11.86
CA ALA A 88 -11.34 -0.16 -13.06
C ALA A 88 -12.21 1.08 -12.87
N GLY A 89 -11.65 2.21 -13.30
CA GLY A 89 -12.32 3.49 -13.20
C GLY A 89 -12.31 4.14 -11.83
N GLY A 90 -11.53 3.61 -10.90
CA GLY A 90 -11.44 4.14 -9.57
C GLY A 90 -10.33 5.15 -9.43
N PRO A 91 -10.55 6.15 -8.58
CA PRO A 91 -9.57 7.24 -8.45
C PRO A 91 -8.17 6.73 -8.18
N ASN A 92 -7.24 7.13 -9.03
CA ASN A 92 -5.81 7.00 -8.76
C ASN A 92 -5.38 5.54 -8.61
N VAL A 93 -6.09 4.61 -9.27
CA VAL A 93 -5.70 3.21 -9.42
C VAL A 93 -5.10 3.02 -10.82
N VAL A 94 -3.97 2.27 -10.93
CA VAL A 94 -3.31 2.11 -12.24
C VAL A 94 -4.26 1.45 -13.23
N GLY A 95 -4.29 1.94 -14.46
CA GLY A 95 -5.28 1.47 -15.42
C GLY A 95 -4.83 0.22 -16.15
N LEU A 96 -5.75 -0.76 -16.27
CA LEU A 96 -5.46 -2.04 -16.91
C LEU A 96 -5.76 -1.95 -18.39
N LEU A 97 -4.75 -2.19 -19.23
CA LEU A 97 -4.90 -2.11 -20.68
C LEU A 97 -5.15 -3.46 -21.32
N ASP A 98 -4.49 -4.52 -20.84
CA ASP A 98 -4.59 -5.81 -21.49
C ASP A 98 -3.97 -6.86 -20.57
N VAL A 99 -4.35 -8.10 -20.82
CA VAL A 99 -3.64 -9.25 -20.28
C VAL A 99 -3.31 -10.13 -21.47
N VAL A 100 -2.06 -10.60 -21.55
CA VAL A 100 -1.58 -11.38 -22.68
C VAL A 100 -0.71 -12.49 -22.13
N ARG A 101 -0.30 -13.40 -23.00
CA ARG A 101 0.61 -14.46 -22.58
C ARG A 101 1.29 -15.05 -23.80
N ASP A 102 2.47 -15.62 -23.58
CA ASP A 102 3.15 -16.29 -24.67
C ASP A 102 2.40 -17.57 -25.02
N SER A 103 2.21 -17.80 -26.32
CA SER A 103 1.45 -18.98 -26.74
C SER A 103 2.12 -20.28 -26.31
N GLN A 104 3.46 -20.32 -26.33
CA GLN A 104 4.14 -21.60 -26.15
C GLN A 104 4.39 -21.93 -24.68
N SER A 105 4.95 -20.99 -23.91
CA SER A 105 5.21 -21.23 -22.50
C SER A 105 4.05 -20.83 -21.59
N LYS A 106 3.07 -20.07 -22.10
CA LYS A 106 1.87 -19.69 -21.36
C LYS A 106 2.18 -18.71 -20.21
N THR A 107 3.35 -18.08 -20.26
CA THR A 107 3.71 -17.07 -19.27
C THR A 107 2.86 -15.80 -19.47
N PRO A 108 2.16 -15.35 -18.45
CA PRO A 108 1.29 -14.17 -18.65
C PRO A 108 2.03 -12.86 -18.42
N SER A 109 1.41 -11.80 -18.94
CA SER A 109 1.81 -10.43 -18.70
C SER A 109 0.57 -9.55 -18.51
N ILE A 110 0.74 -8.48 -17.76
CA ILE A 110 -0.30 -7.49 -17.58
C ILE A 110 0.18 -6.21 -18.25
N VAL A 111 -0.73 -5.58 -18.98
CA VAL A 111 -0.43 -4.33 -19.66
C VAL A 111 -1.18 -3.24 -18.92
N THR A 112 -0.43 -2.29 -18.37
CA THR A 112 -1.06 -1.12 -17.76
C THR A 112 -0.53 0.14 -18.42
N GLU A 113 -1.17 1.24 -18.07
CA GLU A 113 -0.83 2.58 -18.58
C GLU A 113 0.56 2.93 -18.07
N TYR A 114 1.26 3.77 -18.82
CA TYR A 114 2.61 4.23 -18.38
C TYR A 114 2.44 5.48 -17.53
N VAL A 115 3.24 5.60 -16.48
CA VAL A 115 3.20 6.83 -15.66
C VAL A 115 4.60 7.41 -15.69
N ASN A 116 4.74 8.72 -15.93
CA ASN A 116 6.09 9.31 -15.93
C ASN A 116 6.43 9.60 -14.47
N ASN A 117 7.21 8.70 -13.89
CA ASN A 117 7.53 8.64 -12.44
C ASN A 117 8.95 9.12 -12.19
N THR A 118 9.15 9.79 -11.07
CA THR A 118 10.48 10.18 -10.57
C THR A 118 10.76 9.29 -9.37
N GLU A 119 12.00 8.81 -9.21
CA GLU A 119 12.32 7.96 -8.03
C GLU A 119 11.98 8.76 -6.78
N PHE A 120 11.34 8.11 -5.80
CA PHE A 120 10.87 8.76 -4.54
C PHE A 120 12.04 9.37 -3.77
N LYS A 121 13.20 8.73 -3.77
CA LYS A 121 14.38 9.30 -3.08
C LYS A 121 14.69 10.66 -3.72
N THR A 122 14.65 10.76 -5.04
CA THR A 122 14.79 12.03 -5.78
C THR A 122 13.54 12.92 -5.66
N LEU A 123 12.34 12.37 -5.75
CA LEU A 123 11.09 13.18 -5.72
C LEU A 123 10.67 13.68 -4.34
N TYR A 124 10.77 12.85 -3.29
CA TYR A 124 10.22 13.24 -1.97
C TYR A 124 10.89 14.50 -1.40
N PRO A 125 12.22 14.66 -1.45
CA PRO A 125 12.87 15.87 -0.96
C PRO A 125 12.43 17.14 -1.69
N LYS A 126 12.10 17.06 -2.98
CA LYS A 126 11.64 18.22 -3.78
C LYS A 126 10.25 18.73 -3.36
N PHE A 127 9.47 17.93 -2.65
CA PHE A 127 8.08 18.30 -2.25
C PHE A 127 8.03 19.38 -1.17
N SER A 128 7.03 20.25 -1.29
CA SER A 128 6.66 21.22 -0.26
C SER A 128 5.71 20.57 0.76
N ASP A 129 5.37 21.34 1.79
CA ASP A 129 4.40 20.82 2.80
C ASP A 129 3.07 20.56 2.08
N PHE A 130 2.67 21.45 1.18
CA PHE A 130 1.39 21.28 0.44
C PHE A 130 1.45 20.05 -0.45
N ASP A 131 2.57 19.80 -1.08
CA ASP A 131 2.66 18.65 -2.01
C ASP A 131 2.37 17.36 -1.26
N VAL A 132 2.97 17.23 -0.08
CA VAL A 132 2.81 16.00 0.76
C VAL A 132 1.34 15.84 1.15
N ARG A 133 0.70 16.94 1.55
CA ARG A 133 -0.74 16.88 1.93
C ARG A 133 -1.55 16.48 0.71
N TYR A 134 -1.22 17.05 -0.44
CA TYR A 134 -1.90 16.75 -1.73
C TYR A 134 -1.63 15.33 -2.22
N TYR A 135 -0.39 14.84 -2.16
CA TYR A 135 -0.16 13.53 -2.76
C TYR A 135 -0.63 12.41 -1.84
N ILE A 136 -0.48 12.58 -0.52
CA ILE A 136 -1.02 11.62 0.45
C ILE A 136 -2.55 11.59 0.35
N PHE A 137 -3.19 12.77 0.20
CA PHE A 137 -4.65 12.81 0.05
C PHE A 137 -5.08 12.11 -1.24
N GLU A 138 -4.29 12.25 -2.31
CA GLU A 138 -4.64 11.54 -3.54
C GLU A 138 -4.50 10.05 -3.35
N LEU A 139 -3.54 9.62 -2.53
CA LEU A 139 -3.33 8.21 -2.24
C LEU A 139 -4.47 7.67 -1.37
N LEU A 140 -4.90 8.45 -0.40
CA LEU A 140 -6.08 8.07 0.38
C LEU A 140 -7.24 7.74 -0.53
N LYS A 141 -7.48 8.58 -1.54
CA LYS A 141 -8.61 8.37 -2.45
C LYS A 141 -8.58 6.97 -3.06
N ALA A 142 -7.41 6.52 -3.52
CA ALA A 142 -7.30 5.15 -3.99
C ALA A 142 -7.61 4.16 -2.86
N LEU A 143 -6.83 4.22 -1.77
CA LEU A 143 -7.00 3.29 -0.66
C LEU A 143 -8.46 3.18 -0.25
N ASP A 144 -9.10 4.33 -0.04
CA ASP A 144 -10.52 4.31 0.30
C ASP A 144 -11.31 3.56 -0.77
N PHE A 145 -11.14 3.94 -2.04
CA PHE A 145 -11.88 3.27 -3.12
C PHE A 145 -11.72 1.75 -3.06
N CYS A 146 -10.48 1.25 -3.08
CA CYS A 146 -10.33 -0.19 -3.17
C CYS A 146 -10.73 -0.89 -1.87
N HIS A 147 -10.51 -0.25 -0.71
CA HIS A 147 -11.11 -0.77 0.52
C HIS A 147 -12.63 -0.81 0.41
N SER A 148 -13.24 0.22 -0.20
CA SER A 148 -14.71 0.20 -0.26
C SER A 148 -15.23 -0.88 -1.19
N LYS A 149 -14.34 -1.46 -2.02
CA LYS A 149 -14.67 -2.53 -2.94
C LYS A 149 -14.22 -3.88 -2.37
N GLY A 150 -14.02 -3.95 -1.06
CA GLY A 150 -13.61 -5.18 -0.39
C GLY A 150 -12.22 -5.70 -0.75
N ILE A 151 -11.25 -4.82 -1.02
CA ILE A 151 -9.91 -5.25 -1.45
C ILE A 151 -8.84 -4.57 -0.59
N MET A 152 -7.82 -5.33 -0.24
CA MET A 152 -6.67 -4.81 0.53
C MET A 152 -5.42 -4.90 -0.35
N HIS A 153 -4.71 -3.78 -0.54
CA HIS A 153 -3.48 -3.74 -1.33
C HIS A 153 -2.38 -4.60 -0.71
N ARG A 154 -2.13 -4.41 0.58
CA ARG A 154 -1.16 -5.21 1.34
C ARG A 154 0.28 -5.06 0.84
N ASP A 155 0.57 -3.99 0.10
CA ASP A 155 1.95 -3.69 -0.29
C ASP A 155 2.04 -2.20 -0.58
N VAL A 156 1.33 -1.39 0.17
CA VAL A 156 1.42 0.06 0.03
C VAL A 156 2.81 0.50 0.41
N LYS A 157 3.49 1.19 -0.48
CA LYS A 157 4.84 1.66 -0.23
C LYS A 157 5.20 2.66 -1.33
N PRO A 158 6.25 3.48 -1.15
CA PRO A 158 6.63 4.41 -2.24
C PRO A 158 6.77 3.76 -3.60
N HIS A 159 7.35 2.56 -3.65
CA HIS A 159 7.68 1.93 -4.93
C HIS A 159 6.46 1.59 -5.75
N ASN A 160 5.30 1.48 -5.09
CA ASN A 160 4.04 1.13 -5.74
C ASN A 160 3.10 2.35 -5.77
N VAL A 161 3.65 3.57 -5.61
CA VAL A 161 2.92 4.82 -5.80
C VAL A 161 3.65 5.65 -6.84
N MET A 162 3.30 5.48 -8.11
CA MET A 162 3.88 6.30 -9.18
C MET A 162 3.28 7.70 -9.15
N ILE A 163 4.15 8.72 -9.21
CA ILE A 163 3.76 10.13 -9.23
C ILE A 163 4.38 10.80 -10.43
N ASP A 164 3.57 11.52 -11.20
CA ASP A 164 4.01 12.42 -12.27
C ASP A 164 3.80 13.83 -11.73
N HIS A 165 4.91 14.49 -11.39
CA HIS A 165 4.81 15.72 -10.62
C HIS A 165 4.40 16.91 -11.49
N GLU A 166 4.83 16.92 -12.77
CA GLU A 166 4.39 18.00 -13.67
C GLU A 166 2.90 17.88 -13.94
N LYS A 167 2.43 16.65 -14.10
CA LYS A 167 1.00 16.39 -14.31
C LYS A 167 0.24 16.52 -12.98
N ARG A 168 0.95 16.35 -11.87
CA ARG A 168 0.38 16.31 -10.50
C ARG A 168 -0.61 15.15 -10.41
N THR A 169 -0.24 14.01 -10.98
CA THR A 169 -1.10 12.81 -11.00
C THR A 169 -0.42 11.70 -10.23
N LEU A 170 -1.23 10.86 -9.59
CA LEU A 170 -0.73 9.74 -8.77
C LEU A 170 -1.50 8.47 -9.10
N ARG A 171 -0.78 7.36 -9.21
CA ARG A 171 -1.40 6.04 -9.45
C ARG A 171 -0.79 5.01 -8.49
N LEU A 172 -1.64 4.20 -7.88
CA LEU A 172 -1.20 3.09 -6.99
C LEU A 172 -1.02 1.85 -7.87
N ILE A 173 0.16 1.23 -7.86
CA ILE A 173 0.41 0.05 -8.75
C ILE A 173 0.63 -1.19 -7.90
N ASP A 174 1.15 -2.25 -8.51
CA ASP A 174 1.53 -3.52 -7.85
C ASP A 174 0.40 -4.12 -7.01
N TRP A 175 -0.61 -4.67 -7.68
CA TRP A 175 -1.73 -5.33 -6.97
C TRP A 175 -1.48 -6.84 -6.88
N GLY A 176 -0.23 -7.27 -7.00
CA GLY A 176 0.08 -8.68 -6.93
C GLY A 176 -0.02 -9.29 -5.54
N LEU A 177 -0.01 -8.49 -4.50
CA LEU A 177 -0.30 -9.00 -3.17
C LEU A 177 -1.71 -8.67 -2.71
N ALA A 178 -2.49 -8.04 -3.58
CA ALA A 178 -3.87 -7.67 -3.17
C ALA A 178 -4.73 -8.92 -3.00
N GLU A 179 -5.54 -8.93 -1.96
CA GLU A 179 -6.45 -10.05 -1.67
C GLU A 179 -7.81 -9.46 -1.28
N PHE A 180 -8.88 -10.25 -1.40
CA PHE A 180 -10.24 -9.82 -1.02
C PHE A 180 -10.45 -10.00 0.49
N TYR A 181 -11.08 -9.03 1.13
CA TYR A 181 -11.36 -9.10 2.56
C TYR A 181 -12.63 -9.92 2.83
N HIS A 182 -12.48 -11.07 3.49
CA HIS A 182 -13.61 -11.88 3.97
C HIS A 182 -13.60 -11.99 5.49
N PRO A 183 -14.66 -11.52 6.17
CA PRO A 183 -14.61 -11.40 7.64
C PRO A 183 -14.17 -12.68 8.30
N GLY A 184 -13.20 -12.56 9.21
CA GLY A 184 -12.72 -13.71 9.94
C GLY A 184 -11.75 -14.60 9.20
N THR A 185 -11.45 -14.32 7.94
CA THR A 185 -10.47 -15.13 7.23
C THR A 185 -9.07 -14.93 7.81
N GLU A 186 -8.40 -16.02 8.09
CA GLU A 186 -6.97 -16.00 8.37
C GLU A 186 -6.24 -15.72 7.07
N TYR A 187 -5.67 -14.53 6.96
CA TYR A 187 -4.81 -14.20 5.84
C TYR A 187 -3.35 -14.51 6.14
N ASN A 188 -2.55 -14.61 5.08
CA ASN A 188 -1.10 -14.88 5.21
C ASN A 188 -0.39 -13.65 5.76
N VAL A 189 0.44 -13.82 6.79
CA VAL A 189 1.19 -12.68 7.39
C VAL A 189 2.45 -12.37 6.59
N ARG A 190 2.85 -13.23 5.65
CA ARG A 190 4.05 -12.97 4.82
C ARG A 190 3.65 -12.12 3.61
N VAL A 191 3.24 -10.88 3.85
CA VAL A 191 2.81 -9.86 2.86
C VAL A 191 3.43 -8.53 3.27
N ALA A 192 3.55 -7.65 2.27
CA ALA A 192 4.14 -6.29 2.31
C ALA A 192 5.67 -6.35 2.33
N SER A 193 6.28 -5.18 2.36
CA SER A 193 7.73 -5.09 2.48
C SER A 193 8.11 -4.97 3.95
N ARG A 194 9.37 -5.29 4.24
CA ARG A 194 9.80 -5.36 5.64
C ARG A 194 9.48 -4.06 6.38
N TYR A 195 9.89 -2.93 5.82
CA TYR A 195 9.78 -1.64 6.49
C TYR A 195 8.34 -1.14 6.59
N PHE A 196 7.41 -1.71 5.84
CA PHE A 196 6.02 -1.27 5.90
C PHE A 196 5.12 -2.33 6.49
N LYS A 197 5.68 -3.47 6.92
CA LYS A 197 4.87 -4.49 7.58
C LYS A 197 4.21 -3.92 8.83
N GLY A 198 2.97 -4.31 9.08
CA GLY A 198 2.27 -3.85 10.27
C GLY A 198 2.66 -4.69 11.47
N PRO A 199 2.46 -4.16 12.68
CA PRO A 199 2.71 -4.99 13.87
C PRO A 199 2.01 -6.35 13.79
N GLU A 200 0.78 -6.39 13.30
CA GLU A 200 0.06 -7.65 13.18
C GLU A 200 0.84 -8.67 12.33
N LEU A 201 1.40 -8.24 11.19
CA LEU A 201 2.21 -9.17 10.42
C LEU A 201 3.36 -9.73 11.27
N LEU A 202 4.02 -8.83 12.02
CA LEU A 202 5.22 -9.19 12.76
C LEU A 202 4.94 -10.16 13.91
N VAL A 203 3.72 -10.17 14.46
CA VAL A 203 3.39 -11.05 15.58
C VAL A 203 2.57 -12.26 15.13
N ASP A 204 2.41 -12.45 13.82
CA ASP A 204 1.65 -13.54 13.19
C ASP A 204 0.17 -13.53 13.56
N PHE A 205 -0.42 -12.34 13.71
CA PHE A 205 -1.87 -12.20 13.79
C PHE A 205 -2.43 -12.27 12.38
N GLN A 206 -3.34 -13.20 12.14
CA GLN A 206 -3.73 -13.53 10.78
C GLN A 206 -5.04 -12.92 10.33
N GLU A 207 -5.92 -12.53 11.26
CA GLU A 207 -7.25 -11.95 10.96
C GLU A 207 -7.18 -10.44 10.81
N TYR A 208 -6.35 -9.97 9.88
CA TYR A 208 -6.22 -8.54 9.64
C TYR A 208 -7.15 -8.08 8.50
N ASP A 209 -7.20 -6.78 8.28
CA ASP A 209 -8.13 -6.19 7.32
C ASP A 209 -7.50 -4.97 6.66
N TYR A 210 -8.35 -4.06 6.18
CA TYR A 210 -7.88 -2.93 5.36
C TYR A 210 -7.00 -1.98 6.16
N SER A 211 -7.02 -2.08 7.50
CA SER A 211 -6.16 -1.24 8.30
C SER A 211 -4.66 -1.56 8.11
N LEU A 212 -4.31 -2.77 7.65
CA LEU A 212 -2.91 -3.04 7.32
C LEU A 212 -2.37 -1.96 6.39
N ASP A 213 -3.18 -1.56 5.40
CA ASP A 213 -2.72 -0.55 4.43
C ASP A 213 -2.49 0.81 5.08
N MET A 214 -3.18 1.10 6.19
CA MET A 214 -3.06 2.41 6.81
C MET A 214 -1.81 2.51 7.66
N TRP A 215 -1.50 1.46 8.42
CA TRP A 215 -0.17 1.45 9.04
C TRP A 215 0.91 1.72 8.00
N SER A 216 0.88 1.04 6.85
CA SER A 216 1.97 1.23 5.87
C SER A 216 1.96 2.63 5.32
N LEU A 217 0.77 3.16 5.04
CA LEU A 217 0.62 4.56 4.68
C LEU A 217 1.34 5.45 5.69
N GLY A 218 1.21 5.12 6.97
CA GLY A 218 1.88 5.90 8.02
C GLY A 218 3.38 5.76 8.03
N CYS A 219 3.93 4.55 7.78
CA CYS A 219 5.37 4.44 7.58
C CYS A 219 5.81 5.35 6.44
N MET A 220 5.06 5.31 5.35
CA MET A 220 5.41 6.10 4.18
C MET A 220 5.42 7.57 4.52
N PHE A 221 4.30 8.04 5.09
CA PHE A 221 4.15 9.45 5.46
C PHE A 221 5.18 9.87 6.48
N ALA A 222 5.41 9.07 7.52
CA ALA A 222 6.44 9.43 8.48
C ALA A 222 7.79 9.60 7.79
N SER A 223 8.09 8.74 6.81
CA SER A 223 9.32 8.87 6.02
C SER A 223 9.38 10.22 5.30
N MET A 224 8.27 10.66 4.73
CA MET A 224 8.31 11.90 3.99
C MET A 224 8.52 13.09 4.91
N ILE A 225 7.73 13.19 5.99
CA ILE A 225 7.78 14.40 6.83
C ILE A 225 8.98 14.42 7.77
N PHE A 226 9.52 13.27 8.14
CA PHE A 226 10.70 13.32 9.02
C PHE A 226 11.99 13.28 8.21
N ARG A 227 11.88 13.09 6.90
CA ARG A 227 13.07 12.99 6.02
C ARG A 227 14.00 11.87 6.50
N LYS A 228 13.43 10.72 6.85
CA LYS A 228 14.18 9.50 7.28
C LYS A 228 13.61 8.34 6.48
N GLU A 229 14.44 7.65 5.71
CA GLU A 229 13.99 6.57 4.85
C GLU A 229 14.83 5.36 5.09
N PRO A 230 14.27 4.23 5.57
CA PRO A 230 12.87 4.11 5.97
C PRO A 230 12.76 4.63 7.39
N PHE A 231 11.55 4.91 7.85
CA PHE A 231 11.39 5.37 9.22
C PHE A 231 11.76 4.26 10.20
N PHE A 232 11.27 3.03 9.94
CA PHE A 232 11.48 1.86 10.79
C PHE A 232 12.46 0.93 10.07
N HIS A 233 13.71 0.89 10.54
CA HIS A 233 14.77 0.27 9.75
C HIS A 233 15.28 -1.03 10.37
N GLY A 234 14.39 -2.02 10.48
CA GLY A 234 14.77 -3.28 11.06
C GLY A 234 15.60 -4.10 10.08
N HIS A 235 16.54 -4.87 10.64
CA HIS A 235 17.43 -5.66 9.80
C HIS A 235 16.80 -7.00 9.45
N ASP A 236 15.91 -7.52 10.30
CA ASP A 236 15.08 -8.64 9.91
C ASP A 236 13.68 -8.41 10.46
N ASN A 237 12.80 -9.39 10.24
CA ASN A 237 11.43 -9.27 10.72
C ASN A 237 11.34 -9.19 12.24
N ALA A 238 12.32 -9.74 12.96
CA ALA A 238 12.29 -9.59 14.41
C ALA A 238 12.74 -8.20 14.82
N ASP A 239 13.86 -7.75 14.27
CA ASP A 239 14.35 -6.40 14.52
C ASP A 239 13.31 -5.35 14.13
N GLN A 240 12.47 -5.63 13.14
CA GLN A 240 11.47 -4.66 12.69
C GLN A 240 10.48 -4.33 13.82
N LEU A 241 10.04 -5.35 14.57
CA LEU A 241 9.19 -5.08 15.73
C LEU A 241 9.96 -4.31 16.79
N VAL A 242 11.25 -4.57 16.95
CA VAL A 242 12.04 -3.86 17.95
C VAL A 242 12.12 -2.38 17.60
N LYS A 243 12.35 -2.06 16.32
CA LYS A 243 12.44 -0.68 15.87
C LYS A 243 11.11 0.05 16.07
N ILE A 244 9.99 -0.62 15.80
CA ILE A 244 8.68 -0.05 16.07
C ILE A 244 8.50 0.15 17.58
N ALA A 245 8.97 -0.80 18.38
CA ALA A 245 8.82 -0.72 19.83
C ALA A 245 9.61 0.45 20.41
N LYS A 246 10.80 0.72 19.84
CA LYS A 246 11.59 1.81 20.38
C LYS A 246 10.89 3.15 20.19
N VAL A 247 10.02 3.26 19.18
CA VAL A 247 9.26 4.50 19.03
C VAL A 247 7.97 4.43 19.84
N LEU A 248 7.10 3.44 19.53
CA LEU A 248 5.77 3.38 20.15
C LEU A 248 5.85 2.96 21.63
N GLY A 249 6.95 2.35 22.03
CA GLY A 249 7.00 1.90 23.40
C GLY A 249 6.50 0.49 23.53
N THR A 250 6.91 -0.17 24.61
CA THR A 250 6.45 -1.52 24.84
C THR A 250 5.34 -1.58 25.88
N ASP A 251 5.08 -0.49 26.58
CA ASP A 251 3.89 -0.48 27.43
C ASP A 251 2.63 -0.66 26.60
N GLU A 252 2.53 0.05 25.47
CA GLU A 252 1.34 -0.13 24.62
C GLU A 252 1.43 -1.38 23.76
N LEU A 253 2.63 -1.94 23.57
CA LEU A 253 2.71 -3.22 22.88
C LEU A 253 2.07 -4.32 23.71
N TYR A 254 2.36 -4.34 25.01
CA TYR A 254 1.91 -5.44 25.87
C TYR A 254 0.41 -5.41 26.08
N THR A 255 -0.21 -4.22 26.19
CA THR A 255 -1.65 -4.22 26.36
C THR A 255 -2.31 -4.59 25.05
N TYR A 256 -1.62 -4.35 23.94
CA TYR A 256 -2.21 -4.68 22.66
C TYR A 256 -2.17 -6.17 22.45
N LEU A 257 -1.02 -6.79 22.73
CA LEU A 257 -0.92 -8.24 22.75
C LEU A 257 -1.95 -8.84 23.70
N GLU A 258 -2.09 -8.26 24.89
CA GLU A 258 -3.05 -8.78 25.85
C GLU A 258 -4.46 -8.64 25.30
N ARG A 259 -4.77 -7.49 24.71
CA ARG A 259 -6.08 -7.25 24.13
C ARG A 259 -6.41 -8.25 23.02
N TYR A 260 -5.44 -8.60 22.19
CA TYR A 260 -5.70 -9.51 21.08
C TYR A 260 -5.29 -10.94 21.39
N ASP A 261 -4.91 -11.21 22.65
CA ASP A 261 -4.60 -12.56 23.09
C ASP A 261 -3.50 -13.19 22.23
N ILE A 262 -2.48 -12.39 21.95
CA ILE A 262 -1.35 -12.91 21.15
C ILE A 262 -0.21 -13.21 22.11
N ASP A 263 0.27 -14.44 22.16
CA ASP A 263 1.46 -14.66 23.01
C ASP A 263 2.64 -14.41 22.09
N LEU A 264 3.57 -13.56 22.52
CA LEU A 264 4.72 -13.25 21.64
C LEU A 264 5.63 -14.46 21.54
N ASP A 265 6.38 -14.57 20.46
CA ASP A 265 7.31 -15.71 20.28
C ASP A 265 8.44 -15.53 21.30
N ALA A 266 9.02 -16.65 21.75
CA ALA A 266 10.10 -16.68 22.77
C ALA A 266 11.39 -15.96 22.31
N GLN A 267 11.62 -15.83 21.01
CA GLN A 267 12.82 -15.16 20.46
C GLN A 267 12.87 -13.70 20.94
N PHE A 268 11.72 -13.02 21.01
CA PHE A 268 11.57 -11.60 21.37
C PHE A 268 11.99 -11.24 22.79
N ASP A 269 11.75 -12.08 23.79
CA ASP A 269 12.07 -11.68 25.19
C ASP A 269 13.57 -11.35 25.28
N ASP A 270 14.40 -12.12 24.56
CA ASP A 270 15.84 -11.84 24.51
C ASP A 270 16.13 -10.47 23.86
N ILE A 271 15.46 -10.12 22.75
CA ILE A 271 15.81 -8.83 22.09
C ILE A 271 14.80 -7.72 22.33
N LEU A 272 13.58 -8.02 22.77
CA LEU A 272 12.60 -6.91 22.83
C LEU A 272 13.03 -5.83 23.80
N GLY A 273 13.35 -6.17 25.04
CA GLY A 273 13.74 -5.13 25.99
C GLY A 273 12.55 -4.33 26.52
N ARG A 274 12.83 -3.23 27.23
CA ARG A 274 11.75 -2.38 27.80
C ARG A 274 11.96 -0.98 27.26
N TYR A 275 11.00 -0.42 26.54
CA TYR A 275 11.18 0.94 25.99
C TYR A 275 10.01 1.87 26.28
N PRO A 276 10.32 3.15 26.52
CA PRO A 276 9.31 4.15 26.74
C PRO A 276 8.96 4.81 25.41
N ARG A 277 7.71 5.26 25.30
CA ARG A 277 7.24 5.98 24.14
C ARG A 277 8.16 7.16 23.87
N LYS A 278 8.70 7.20 22.65
CA LYS A 278 9.46 8.35 22.17
C LYS A 278 8.48 9.33 21.52
N PRO A 279 8.37 10.56 21.99
CA PRO A 279 7.38 11.48 21.40
C PRO A 279 7.73 11.79 19.95
N TRP A 280 6.71 12.12 19.18
CA TRP A 280 6.86 12.41 17.74
C TRP A 280 7.75 13.62 17.57
N SER A 281 7.69 14.56 18.51
CA SER A 281 8.45 15.83 18.48
C SER A 281 9.98 15.63 18.48
N ARG A 282 10.50 14.52 18.99
CA ARG A 282 11.96 14.23 18.97
C ARG A 282 12.47 13.96 17.55
N PHE A 283 11.61 13.61 16.60
CA PHE A 283 12.04 13.34 15.20
C PHE A 283 12.15 14.64 14.40
N VAL A 284 11.76 15.76 14.99
CA VAL A 284 11.79 17.02 14.28
C VAL A 284 13.21 17.56 14.23
N SER A 285 13.65 17.96 13.04
CA SER A 285 14.98 18.51 12.87
C SER A 285 14.90 19.78 12.02
N SER A 286 16.07 20.37 11.76
CA SER A 286 16.12 21.56 10.90
C SER A 286 15.82 21.16 9.46
N GLU A 287 16.38 20.04 9.02
CA GLU A 287 16.21 19.53 7.64
C GLU A 287 14.76 19.19 7.34
N ASN A 288 14.03 18.59 8.27
CA ASN A 288 12.65 18.13 7.97
C ASN A 288 11.57 19.06 8.53
N GLN A 289 11.96 20.19 9.06
CA GLN A 289 11.04 21.15 9.75
C GLN A 289 9.96 21.68 8.82
N ARG A 290 10.23 21.75 7.52
CA ARG A 290 9.25 22.30 6.56
C ARG A 290 7.95 21.50 6.58
N TYR A 291 8.07 20.17 6.65
CA TYR A 291 6.96 19.21 6.67
C TYR A 291 6.16 19.28 7.98
N ILE A 292 6.88 19.51 9.07
CA ILE A 292 6.32 19.48 10.45
C ILE A 292 5.24 20.52 10.67
N SER A 293 4.18 20.07 11.32
CA SER A 293 2.98 20.83 11.71
C SER A 293 2.34 20.11 12.89
N SER A 294 1.44 20.75 13.61
CA SER A 294 0.79 20.03 14.69
C SER A 294 -0.34 19.17 14.15
N GLU A 295 -0.90 19.55 13.00
CA GLU A 295 -1.83 18.68 12.29
C GLU A 295 -1.12 17.48 11.69
N ALA A 296 0.06 17.67 11.13
CA ALA A 296 0.74 16.53 10.50
C ALA A 296 1.04 15.46 11.54
N ILE A 297 1.53 15.88 12.71
CA ILE A 297 1.88 14.92 13.78
C ILE A 297 0.63 14.23 14.29
N ASP A 298 -0.41 15.01 14.60
CA ASP A 298 -1.65 14.38 15.05
C ASP A 298 -2.12 13.34 14.05
N PHE A 299 -2.19 13.72 12.76
CA PHE A 299 -2.58 12.79 11.72
C PHE A 299 -1.67 11.55 11.70
N LEU A 300 -0.36 11.75 11.77
CA LEU A 300 0.55 10.57 11.79
C LEU A 300 0.24 9.68 12.98
N ASP A 301 0.08 10.28 14.18
CA ASP A 301 -0.15 9.50 15.39
C ASP A 301 -1.42 8.63 15.31
N LYS A 302 -2.41 9.02 14.50
CA LYS A 302 -3.63 8.23 14.39
C LYS A 302 -3.53 7.16 13.30
N LEU A 303 -2.38 7.08 12.63
CA LEU A 303 -2.07 5.98 11.72
C LEU A 303 -1.21 4.92 12.37
N LEU A 304 -0.18 5.32 13.14
CA LEU A 304 0.87 4.40 13.59
C LEU A 304 0.56 3.88 14.99
N ARG A 305 -0.38 2.94 15.04
CA ARG A 305 -0.86 2.37 16.31
C ARG A 305 -0.69 0.86 16.24
N TYR A 306 -0.32 0.23 17.34
CA TYR A 306 -0.15 -1.24 17.33
C TYR A 306 -1.50 -1.89 17.01
N ASP A 307 -2.54 -1.40 17.66
CA ASP A 307 -3.88 -1.98 17.41
C ASP A 307 -4.39 -1.42 16.10
N HIS A 308 -4.69 -2.31 15.15
CA HIS A 308 -5.20 -1.99 13.80
C HIS A 308 -6.59 -1.35 13.88
N GLN A 309 -7.30 -1.66 14.95
CA GLN A 309 -8.68 -1.17 15.20
C GLN A 309 -8.65 0.29 15.67
N GLU A 310 -7.51 0.77 16.13
CA GLU A 310 -7.39 2.19 16.55
C GLU A 310 -6.91 3.06 15.39
N ARG A 311 -6.57 2.46 14.26
CA ARG A 311 -6.08 3.26 13.12
C ARG A 311 -7.21 4.00 12.41
N LEU A 312 -6.88 5.15 11.89
CA LEU A 312 -7.81 5.98 11.10
C LEU A 312 -8.19 5.19 9.84
N THR A 313 -9.46 5.29 9.43
CA THR A 313 -9.87 4.67 8.15
C THR A 313 -9.45 5.60 7.01
N ALA A 314 -9.41 5.10 5.79
CA ALA A 314 -9.03 6.00 4.68
C ALA A 314 -10.05 7.14 4.58
N GLU A 315 -11.33 6.83 4.71
CA GLU A 315 -12.38 7.86 4.67
C GLU A 315 -12.18 8.85 5.82
N GLU A 316 -11.89 8.36 7.03
CA GLU A 316 -11.69 9.24 8.20
C GLU A 316 -10.47 10.13 8.00
N ALA A 317 -9.41 9.60 7.44
CA ALA A 317 -8.15 10.36 7.22
C ALA A 317 -8.40 11.54 6.29
N LYS A 318 -9.24 11.38 5.28
CA LYS A 318 -9.55 12.46 4.32
C LYS A 318 -10.18 13.63 5.05
N GLU A 319 -10.98 13.37 6.08
CA GLU A 319 -11.61 14.49 6.78
C GLU A 319 -10.69 15.12 7.82
N HIS A 320 -9.46 14.64 7.94
CA HIS A 320 -8.55 15.14 8.95
C HIS A 320 -8.22 16.60 8.67
N PRO A 321 -7.96 17.43 9.70
CA PRO A 321 -7.64 18.85 9.52
C PRO A 321 -6.36 19.08 8.72
N TYR A 322 -5.47 18.11 8.68
CA TYR A 322 -4.20 18.23 7.93
C TYR A 322 -4.49 18.45 6.43
N PHE A 323 -5.50 17.80 5.89
CA PHE A 323 -5.86 17.90 4.47
C PHE A 323 -6.76 19.10 4.15
N GLU A 324 -7.25 19.82 5.14
CA GLU A 324 -8.14 20.93 4.85
C GLU A 324 -7.56 21.91 3.82
N PRO A 325 -6.25 22.24 3.83
CA PRO A 325 -5.71 23.03 2.72
C PRO A 325 -5.95 22.40 1.36
N VAL A 326 -5.70 21.09 1.23
CA VAL A 326 -5.95 20.37 -0.02
C VAL A 326 -7.42 20.46 -0.41
N ARG A 327 -8.32 20.29 0.56
CA ARG A 327 -9.75 20.33 0.24
C ARG A 327 -10.14 21.74 -0.22
N GLN A 328 -9.70 22.75 0.52
CA GLN A 328 -9.98 24.14 0.19
C GLN A 328 -9.53 24.48 -1.23
N ALA A 329 -8.30 24.10 -1.58
CA ALA A 329 -7.78 24.41 -2.91
C ALA A 329 -8.64 23.76 -3.98
N ALA A 330 -9.02 22.49 -3.78
CA ALA A 330 -9.82 21.81 -4.79
C ALA A 330 -11.22 22.44 -4.93
N ALA A 331 -11.83 22.86 -3.82
CA ALA A 331 -13.14 23.49 -3.92
C ALA A 331 -13.05 24.85 -4.63
N GLN A 332 -12.03 25.64 -4.28
CA GLN A 332 -11.86 26.96 -4.87
C GLN A 332 -11.43 26.88 -6.34
N ALA A 333 -10.57 25.91 -6.66
CA ALA A 333 -10.15 25.71 -8.04
C ALA A 333 -11.36 25.52 -8.95
N SER A 334 -12.30 24.66 -8.54
CA SER A 334 -13.53 24.43 -9.31
C SER A 334 -14.56 25.55 -9.00
PG ANP B . 7.58 -5.84 -6.01
O1G ANP B . 6.80 -4.61 -5.71
O2G ANP B . 8.88 -5.80 -5.31
O3G ANP B . 6.78 -7.00 -5.61
PB ANP B . 6.84 -6.39 -8.74
O1B ANP B . 7.54 -7.50 -9.46
O2B ANP B . 5.49 -6.67 -8.19
N3B ANP B . 7.82 -5.80 -7.61
PA ANP B . 5.92 -3.79 -9.66
O1A ANP B . 4.63 -4.03 -10.31
O2A ANP B . 5.93 -3.33 -8.26
O3A ANP B . 6.78 -5.12 -9.70
O5' ANP B . 6.77 -2.78 -10.54
C5' ANP B . 8.18 -2.64 -10.38
C4' ANP B . 8.55 -1.25 -10.82
O4' ANP B . 8.03 -1.03 -12.15
C3' ANP B . 7.91 -0.12 -10.01
O3' ANP B . 8.65 0.10 -8.81
C2' ANP B . 7.89 1.04 -11.00
O2' ANP B . 9.06 1.83 -10.94
C1' ANP B . 7.76 0.33 -12.36
N9 ANP B . 6.40 0.45 -12.83
C8 ANP B . 5.39 -0.41 -12.63
N7 ANP B . 4.25 0.01 -13.12
C5 ANP B . 4.56 1.24 -13.67
C6 ANP B . 3.78 2.21 -14.33
N6 ANP B . 2.48 2.08 -14.56
N1 ANP B . 4.41 3.34 -14.72
C2 ANP B . 5.71 3.46 -14.48
N3 ANP B . 6.54 2.62 -13.87
C4 ANP B . 5.88 1.52 -13.49
MG MG C . 4.14 -7.78 -6.49
S SO4 D . -1.01 -14.88 -0.51
O1 SO4 D . -1.24 -16.26 -0.33
O2 SO4 D . -1.70 -14.16 0.50
O3 SO4 D . -1.48 -14.49 -1.79
O4 SO4 D . 0.39 -14.62 -0.43
S SO4 E . 4.03 14.08 20.64
O1 SO4 E . 4.15 12.78 20.14
O2 SO4 E . 2.74 14.59 20.35
O3 SO4 E . 5.00 14.93 20.06
O4 SO4 E . 4.20 14.06 22.03
#